data_2DJC
#
_entry.id   2DJC
#
_entity_poly.entity_id   1
_entity_poly.type   'polypeptide(L)'
_entity_poly.pdbx_seq_one_letter_code
;ENFAAGCATGYQRTADGRCKPTF
;
_entity_poly.pdbx_strand_id   A
#
# COMPACT_ATOMS: atom_id res chain seq x y z
N GLU A 1 -0.51 12.73 -6.48
CA GLU A 1 0.27 11.46 -6.43
C GLU A 1 1.62 11.63 -7.12
N ASN A 2 2.68 11.21 -6.45
CA ASN A 2 4.01 11.22 -7.06
C ASN A 2 4.34 9.85 -7.61
N PHE A 3 4.55 8.89 -6.72
CA PHE A 3 4.85 7.51 -7.12
C PHE A 3 3.58 6.67 -7.06
N ALA A 4 3.10 6.25 -8.21
CA ALA A 4 1.92 5.42 -8.30
C ALA A 4 2.28 3.96 -8.09
N ALA A 5 2.37 3.57 -6.84
CA ALA A 5 2.70 2.20 -6.48
C ALA A 5 1.98 1.79 -5.20
N GLY A 6 2.73 1.40 -4.18
CA GLY A 6 2.12 0.99 -2.93
C GLY A 6 3.13 0.82 -1.82
N CYS A 7 2.79 0.01 -0.84
CA CYS A 7 3.66 -0.21 0.31
C CYS A 7 4.11 -1.67 0.35
N ALA A 8 4.28 -2.20 1.57
CA ALA A 8 4.70 -3.59 1.76
C ALA A 8 3.79 -4.57 1.03
N THR A 9 4.28 -5.79 0.85
CA THR A 9 3.55 -6.84 0.16
C THR A 9 2.26 -7.24 0.88
N GLY A 10 2.14 -6.85 2.15
CA GLY A 10 0.90 -7.06 2.88
C GLY A 10 0.19 -5.74 3.13
N TYR A 11 0.78 -4.68 2.64
CA TYR A 11 0.28 -3.33 2.87
C TYR A 11 -0.11 -2.68 1.55
N GLN A 12 -0.55 -1.45 1.64
CA GLN A 12 -0.94 -0.69 0.47
C GLN A 12 -0.93 0.78 0.83
N ARG A 13 -0.83 1.66 -0.18
CA ARG A 13 -0.93 3.09 0.06
C ARG A 13 -2.39 3.49 -0.03
N THR A 14 -2.84 4.15 1.01
CA THR A 14 -4.20 4.61 1.07
C THR A 14 -4.35 5.91 0.27
N ALA A 15 -5.47 6.60 0.46
CA ALA A 15 -5.74 7.83 -0.29
C ALA A 15 -4.69 8.90 0.04
N ASP A 16 -4.06 8.76 1.20
CA ASP A 16 -3.06 9.71 1.63
C ASP A 16 -1.66 9.10 1.58
N GLY A 17 -1.54 7.94 0.96
CA GLY A 17 -0.24 7.30 0.80
C GLY A 17 0.23 6.64 2.08
N ARG A 18 -0.70 6.38 2.97
CA ARG A 18 -0.38 5.74 4.23
C ARG A 18 -0.29 4.23 4.04
N CYS A 19 0.68 3.60 4.68
CA CYS A 19 0.86 2.16 4.53
C CYS A 19 -0.06 1.41 5.49
N LYS A 20 -1.17 0.94 4.97
CA LYS A 20 -2.12 0.18 5.76
C LYS A 20 -2.17 -1.27 5.27
N PRO A 21 -2.20 -2.24 6.18
CA PRO A 21 -2.43 -3.64 5.83
C PRO A 21 -3.79 -3.79 5.14
N THR A 22 -3.84 -4.58 4.09
CA THR A 22 -5.00 -4.63 3.20
C THR A 22 -6.14 -5.49 3.74
N PHE A 23 -5.83 -6.74 4.06
CA PHE A 23 -6.82 -7.72 4.50
C PHE A 23 -7.82 -8.02 3.37
N GLU A 1 -5.81 -4.03 -9.14
CA GLU A 1 -5.12 -4.30 -10.42
C GLU A 1 -4.93 -5.80 -10.59
N ASN A 2 -4.03 -6.22 -11.48
CA ASN A 2 -3.66 -7.63 -11.58
C ASN A 2 -3.03 -8.06 -10.25
N PHE A 3 -2.21 -7.18 -9.70
CA PHE A 3 -1.69 -7.36 -8.36
C PHE A 3 -1.57 -5.98 -7.71
N ALA A 4 -1.96 -5.89 -6.45
CA ALA A 4 -1.92 -4.62 -5.75
C ALA A 4 -0.82 -4.61 -4.70
N ALA A 5 0.09 -3.67 -4.85
CA ALA A 5 1.17 -3.49 -3.88
C ALA A 5 1.03 -2.16 -3.15
N GLY A 6 1.55 -1.10 -3.75
CA GLY A 6 1.48 0.20 -3.12
C GLY A 6 2.55 0.38 -2.07
N CYS A 7 2.37 -0.26 -0.92
CA CYS A 7 3.35 -0.18 0.15
C CYS A 7 4.13 -1.48 0.27
N ALA A 8 3.84 -2.24 1.32
CA ALA A 8 4.58 -3.46 1.62
C ALA A 8 3.91 -4.67 0.97
N THR A 9 4.46 -5.85 1.24
CA THR A 9 3.92 -7.10 0.72
C THR A 9 2.48 -7.31 1.19
N GLY A 10 2.18 -6.84 2.39
CA GLY A 10 0.84 -6.94 2.92
C GLY A 10 0.28 -5.58 3.29
N TYR A 11 0.73 -4.56 2.59
CA TYR A 11 0.28 -3.19 2.84
C TYR A 11 -0.07 -2.51 1.54
N GLN A 12 -0.63 -1.32 1.64
CA GLN A 12 -1.08 -0.58 0.47
C GLN A 12 -1.03 0.93 0.72
N ARG A 13 -1.01 1.71 -0.35
CA ARG A 13 -1.06 3.16 -0.21
C ARG A 13 -2.50 3.64 -0.26
N THR A 14 -2.94 4.21 0.86
CA THR A 14 -4.30 4.71 0.96
C THR A 14 -4.39 6.14 0.41
N ALA A 15 -5.36 6.90 0.89
CA ALA A 15 -5.59 8.27 0.41
C ALA A 15 -4.31 9.10 0.40
N ASP A 16 -3.64 9.17 1.54
CA ASP A 16 -2.40 9.95 1.65
C ASP A 16 -1.19 9.06 1.41
N GLY A 17 -1.40 7.93 0.75
CA GLY A 17 -0.33 6.99 0.55
C GLY A 17 0.13 6.37 1.86
N ARG A 18 -0.78 6.33 2.83
CA ARG A 18 -0.48 5.76 4.13
C ARG A 18 -0.55 4.25 4.03
N CYS A 19 0.43 3.58 4.59
CA CYS A 19 0.54 2.14 4.44
C CYS A 19 -0.41 1.40 5.38
N LYS A 20 -1.51 0.95 4.80
CA LYS A 20 -2.51 0.18 5.51
C LYS A 20 -2.38 -1.29 5.17
N PRO A 21 -2.49 -2.19 6.16
CA PRO A 21 -2.49 -3.63 5.94
C PRO A 21 -3.68 -4.05 5.06
N THR A 22 -3.44 -5.00 4.17
CA THR A 22 -4.43 -5.40 3.18
C THR A 22 -5.45 -6.35 3.77
N PHE A 23 -6.72 -5.96 3.68
CA PHE A 23 -7.84 -6.76 4.19
C PHE A 23 -9.01 -6.69 3.22
N GLU A 1 -4.61 -4.17 -12.97
CA GLU A 1 -3.37 -3.44 -12.63
C GLU A 1 -3.64 -1.96 -12.49
N ASN A 2 -2.66 -1.21 -12.00
CA ASN A 2 -2.77 0.23 -11.90
C ASN A 2 -1.41 0.89 -12.05
N PHE A 3 -0.60 0.83 -11.00
CA PHE A 3 0.75 1.40 -11.03
C PHE A 3 1.78 0.30 -10.87
N ALA A 4 1.90 -0.22 -9.65
CA ALA A 4 2.81 -1.31 -9.38
C ALA A 4 2.40 -2.00 -8.08
N ALA A 5 2.68 -1.34 -6.96
CA ALA A 5 2.32 -1.85 -5.64
C ALA A 5 2.15 -0.68 -4.68
N GLY A 6 1.39 -0.91 -3.62
CA GLY A 6 1.15 0.14 -2.64
C GLY A 6 2.34 0.35 -1.71
N CYS A 7 2.47 -0.51 -0.72
CA CYS A 7 3.57 -0.37 0.24
C CYS A 7 4.33 -1.70 0.38
N ALA A 8 3.95 -2.49 1.38
CA ALA A 8 4.62 -3.75 1.64
C ALA A 8 3.90 -4.89 0.91
N THR A 9 4.36 -6.11 1.15
CA THR A 9 3.77 -7.29 0.55
C THR A 9 2.31 -7.45 0.98
N GLY A 10 2.00 -6.97 2.18
CA GLY A 10 0.64 -7.00 2.68
C GLY A 10 0.12 -5.62 3.03
N TYR A 11 0.79 -4.60 2.51
CA TYR A 11 0.42 -3.21 2.77
C TYR A 11 0.26 -2.46 1.45
N GLN A 12 -0.50 -1.39 1.47
CA GLN A 12 -0.65 -0.56 0.30
C GLN A 12 -0.81 0.90 0.70
N ARG A 13 -0.81 1.79 -0.27
CA ARG A 13 -0.94 3.21 0.02
C ARG A 13 -2.40 3.57 0.03
N THR A 14 -2.77 4.30 1.04
CA THR A 14 -4.13 4.78 1.16
C THR A 14 -4.33 6.01 0.29
N ALA A 15 -5.49 6.65 0.40
CA ALA A 15 -5.77 7.86 -0.37
C ALA A 15 -4.86 9.00 0.08
N ASP A 16 -4.18 8.78 1.20
CA ASP A 16 -3.27 9.77 1.75
C ASP A 16 -1.84 9.24 1.82
N GLY A 17 -1.58 8.18 1.07
CA GLY A 17 -0.21 7.70 0.89
C GLY A 17 0.39 7.09 2.13
N ARG A 18 -0.47 6.61 3.03
CA ARG A 18 0.02 5.92 4.22
C ARG A 18 -0.19 4.43 4.07
N CYS A 19 0.71 3.65 4.65
CA CYS A 19 0.70 2.20 4.48
C CYS A 19 -0.30 1.54 5.41
N LYS A 20 -1.36 1.00 4.82
CA LYS A 20 -2.36 0.26 5.56
C LYS A 20 -2.33 -1.19 5.14
N PRO A 21 -2.42 -2.13 6.10
CA PRO A 21 -2.47 -3.57 5.80
C PRO A 21 -3.80 -3.94 5.15
N THR A 22 -3.76 -4.84 4.18
CA THR A 22 -4.95 -5.20 3.43
C THR A 22 -5.73 -6.31 4.12
N PHE A 23 -6.85 -5.94 4.74
CA PHE A 23 -7.74 -6.91 5.37
C PHE A 23 -8.99 -7.08 4.52
N GLU A 1 0.65 -4.53 -13.08
CA GLU A 1 1.74 -5.44 -13.49
C GLU A 1 3.03 -5.12 -12.75
N ASN A 2 3.64 -3.99 -13.08
CA ASN A 2 4.89 -3.57 -12.43
C ASN A 2 4.69 -3.40 -10.94
N PHE A 3 3.57 -2.78 -10.58
CA PHE A 3 3.20 -2.62 -9.18
C PHE A 3 1.86 -3.28 -8.90
N ALA A 4 1.81 -3.97 -7.78
CA ALA A 4 0.58 -4.58 -7.31
C ALA A 4 0.40 -4.27 -5.83
N ALA A 5 1.50 -4.33 -5.10
CA ALA A 5 1.50 -3.99 -3.69
C ALA A 5 1.55 -2.47 -3.53
N GLY A 6 0.63 -1.94 -2.74
CA GLY A 6 0.58 -0.50 -2.53
C GLY A 6 1.75 0.01 -1.72
N CYS A 7 2.14 -0.75 -0.72
CA CYS A 7 3.29 -0.43 0.12
C CYS A 7 4.17 -1.65 0.30
N ALA A 8 3.89 -2.42 1.34
CA ALA A 8 4.57 -3.69 1.57
C ALA A 8 3.80 -4.84 0.95
N THR A 9 4.27 -6.07 1.19
CA THR A 9 3.57 -7.26 0.70
C THR A 9 2.13 -7.28 1.22
N GLY A 10 1.96 -6.91 2.49
CA GLY A 10 0.64 -6.86 3.07
C GLY A 10 0.23 -5.44 3.42
N TYR A 11 0.71 -4.47 2.64
CA TYR A 11 0.40 -3.07 2.87
C TYR A 11 0.12 -2.36 1.55
N GLN A 12 -0.59 -1.26 1.64
CA GLN A 12 -0.97 -0.49 0.47
C GLN A 12 -1.00 1.00 0.82
N ARG A 13 -0.84 1.85 -0.20
CA ARG A 13 -0.93 3.28 0.01
C ARG A 13 -2.37 3.71 -0.11
N THR A 14 -2.88 4.29 0.97
CA THR A 14 -4.25 4.74 1.03
C THR A 14 -4.40 6.09 0.33
N ALA A 15 -5.49 6.80 0.60
CA ALA A 15 -5.72 8.09 -0.01
C ALA A 15 -4.63 9.10 0.39
N ASP A 16 -3.93 8.79 1.47
CA ASP A 16 -2.87 9.68 1.95
C ASP A 16 -1.50 9.11 1.61
N GLY A 17 -1.48 7.99 0.93
CA GLY A 17 -0.22 7.32 0.68
C GLY A 17 0.27 6.62 1.92
N ARG A 18 -0.60 6.51 2.92
CA ARG A 18 -0.27 5.84 4.17
C ARG A 18 -0.37 4.34 3.96
N CYS A 19 0.59 3.62 4.51
CA CYS A 19 0.65 2.17 4.33
C CYS A 19 -0.31 1.46 5.28
N LYS A 20 -1.43 1.01 4.75
CA LYS A 20 -2.43 0.27 5.50
C LYS A 20 -2.34 -1.21 5.12
N PRO A 21 -2.47 -2.12 6.11
CA PRO A 21 -2.48 -3.57 5.86
C PRO A 21 -3.58 -3.97 4.88
N THR A 22 -3.24 -4.84 3.95
CA THR A 22 -4.19 -5.32 2.96
C THR A 22 -4.93 -6.57 3.47
N PHE A 23 -4.39 -7.17 4.53
CA PHE A 23 -4.97 -8.37 5.14
C PHE A 23 -4.90 -9.55 4.18
N GLU A 1 7.44 -7.48 -6.51
CA GLU A 1 8.21 -7.24 -5.27
C GLU A 1 7.93 -5.83 -4.74
N ASN A 2 8.05 -4.84 -5.62
CA ASN A 2 7.82 -3.46 -5.22
C ASN A 2 6.39 -3.05 -5.57
N PHE A 3 5.89 -2.04 -4.89
CA PHE A 3 4.55 -1.53 -5.14
C PHE A 3 4.57 -0.02 -5.32
N ALA A 4 3.87 0.46 -6.35
CA ALA A 4 3.71 1.88 -6.56
C ALA A 4 2.40 2.35 -5.94
N ALA A 5 1.34 1.59 -6.19
CA ALA A 5 0.03 1.91 -5.65
C ALA A 5 -0.20 1.19 -4.33
N GLY A 6 0.88 0.64 -3.78
CA GLY A 6 0.81 -0.06 -2.53
C GLY A 6 2.01 0.23 -1.67
N CYS A 7 2.16 -0.48 -0.57
CA CYS A 7 3.29 -0.28 0.31
C CYS A 7 4.13 -1.55 0.40
N ALA A 8 3.83 -2.38 1.38
CA ALA A 8 4.52 -3.65 1.57
C ALA A 8 3.81 -4.76 0.82
N THR A 9 4.30 -5.99 0.99
CA THR A 9 3.66 -7.16 0.40
C THR A 9 2.26 -7.37 0.99
N GLY A 10 2.05 -6.83 2.18
CA GLY A 10 0.75 -6.91 2.81
C GLY A 10 0.25 -5.53 3.24
N TYR A 11 0.75 -4.51 2.57
CA TYR A 11 0.38 -3.13 2.86
C TYR A 11 0.10 -2.38 1.58
N GLN A 12 -0.70 -1.33 1.68
CA GLN A 12 -1.10 -0.58 0.52
C GLN A 12 -1.08 0.92 0.83
N ARG A 13 -0.97 1.74 -0.20
CA ARG A 13 -1.02 3.18 -0.01
C ARG A 13 -2.45 3.65 -0.10
N THR A 14 -2.91 4.29 0.94
CA THR A 14 -4.25 4.82 0.99
C THR A 14 -4.33 6.13 0.22
N ALA A 15 -5.44 6.86 0.36
CA ALA A 15 -5.61 8.13 -0.32
C ALA A 15 -4.51 9.13 0.08
N ASP A 16 -3.87 8.87 1.21
CA ASP A 16 -2.82 9.75 1.71
C ASP A 16 -1.47 9.07 1.64
N GLY A 17 -1.42 7.94 0.97
CA GLY A 17 -0.19 7.21 0.79
C GLY A 17 0.29 6.56 2.08
N ARG A 18 -0.60 6.46 3.05
CA ARG A 18 -0.28 5.83 4.32
C ARG A 18 -0.35 4.32 4.15
N CYS A 19 0.59 3.61 4.76
CA CYS A 19 0.70 2.17 4.56
C CYS A 19 -0.30 1.41 5.42
N LYS A 20 -1.40 1.03 4.80
CA LYS A 20 -2.47 0.33 5.47
C LYS A 20 -2.39 -1.16 5.13
N PRO A 21 -2.51 -2.05 6.14
CA PRO A 21 -2.47 -3.49 5.92
C PRO A 21 -3.63 -3.97 5.05
N THR A 22 -3.34 -4.88 4.13
CA THR A 22 -4.38 -5.44 3.27
C THR A 22 -4.96 -6.70 3.88
N PHE A 23 -4.28 -7.22 4.91
CA PHE A 23 -4.73 -8.41 5.64
C PHE A 23 -4.73 -9.65 4.75
N GLU A 1 8.92 1.50 -14.67
CA GLU A 1 7.65 1.84 -13.97
C GLU A 1 6.47 1.59 -14.88
N ASN A 2 5.62 0.64 -14.50
CA ASN A 2 4.39 0.37 -15.24
C ASN A 2 3.32 -0.15 -14.30
N PHE A 3 3.75 -0.85 -13.25
CA PHE A 3 2.83 -1.37 -12.24
C PHE A 3 3.15 -0.77 -10.88
N ALA A 4 2.20 -0.01 -10.33
CA ALA A 4 2.36 0.57 -9.01
C ALA A 4 1.55 -0.21 -7.98
N ALA A 5 2.18 -0.55 -6.86
CA ALA A 5 1.51 -1.34 -5.83
C ALA A 5 1.07 -0.46 -4.67
N GLY A 6 2.03 0.11 -3.96
CA GLY A 6 1.72 0.94 -2.80
C GLY A 6 2.79 0.86 -1.73
N CYS A 7 2.62 -0.05 -0.79
CA CYS A 7 3.56 -0.16 0.32
C CYS A 7 4.24 -1.54 0.34
N ALA A 8 3.91 -2.35 1.33
CA ALA A 8 4.57 -3.64 1.52
C ALA A 8 3.84 -4.76 0.80
N THR A 9 4.32 -5.98 1.00
CA THR A 9 3.69 -7.17 0.43
C THR A 9 2.35 -7.46 1.07
N GLY A 10 2.10 -6.82 2.21
CA GLY A 10 0.82 -6.92 2.88
C GLY A 10 0.28 -5.55 3.22
N TYR A 11 0.78 -4.54 2.51
CA TYR A 11 0.40 -3.16 2.77
C TYR A 11 0.16 -2.42 1.48
N GLN A 12 -0.69 -1.41 1.55
CA GLN A 12 -1.05 -0.62 0.40
C GLN A 12 -1.04 0.86 0.75
N ARG A 13 -0.95 1.72 -0.26
CA ARG A 13 -1.03 3.15 -0.02
C ARG A 13 -2.48 3.57 -0.03
N THR A 14 -2.87 4.29 0.99
CA THR A 14 -4.21 4.80 1.07
C THR A 14 -4.32 6.07 0.22
N ALA A 15 -5.43 6.79 0.35
CA ALA A 15 -5.62 8.02 -0.40
C ALA A 15 -4.59 9.06 0.01
N ASP A 16 -3.98 8.84 1.16
CA ASP A 16 -3.00 9.75 1.72
C ASP A 16 -1.61 9.12 1.76
N GLY A 17 -1.44 8.02 1.04
CA GLY A 17 -0.13 7.39 0.90
C GLY A 17 0.36 6.77 2.20
N ARG A 18 -0.58 6.40 3.05
CA ARG A 18 -0.25 5.73 4.29
C ARG A 18 -0.28 4.23 4.07
N CYS A 19 0.63 3.51 4.72
CA CYS A 19 0.72 2.07 4.56
C CYS A 19 -0.33 1.36 5.38
N LYS A 20 -1.41 0.97 4.72
CA LYS A 20 -2.49 0.24 5.36
C LYS A 20 -2.33 -1.25 5.11
N PRO A 21 -2.49 -2.09 6.16
CA PRO A 21 -2.51 -3.54 6.00
C PRO A 21 -3.75 -3.96 5.21
N THR A 22 -3.59 -4.95 4.35
CA THR A 22 -4.63 -5.34 3.43
C THR A 22 -5.68 -6.21 4.10
N PHE A 23 -6.89 -5.68 4.22
CA PHE A 23 -8.02 -6.43 4.76
C PHE A 23 -9.19 -6.33 3.79
N GLU A 1 7.52 2.31 2.95
CA GLU A 1 8.98 2.25 3.16
C GLU A 1 9.74 2.30 1.85
N ASN A 2 9.11 1.84 0.77
CA ASN A 2 9.77 1.80 -0.53
C ASN A 2 10.03 3.21 -1.08
N PHE A 3 8.96 3.99 -1.17
CA PHE A 3 9.05 5.34 -1.71
C PHE A 3 8.17 6.28 -0.88
N ALA A 4 6.88 6.23 -1.12
CA ALA A 4 5.91 6.97 -0.32
C ALA A 4 4.64 6.16 -0.23
N ALA A 5 3.92 6.07 -1.34
CA ALA A 5 2.76 5.20 -1.44
C ALA A 5 3.21 3.76 -1.67
N GLY A 6 4.51 3.60 -1.85
CA GLY A 6 5.09 2.27 -2.00
C GLY A 6 5.24 1.57 -0.67
N CYS A 7 4.22 0.80 -0.32
CA CYS A 7 4.19 0.09 0.95
C CYS A 7 4.42 -1.40 0.74
N ALA A 8 4.39 -2.14 1.85
CA ALA A 8 4.65 -3.58 1.85
C ALA A 8 3.65 -4.34 0.99
N THR A 9 3.94 -5.61 0.75
CA THR A 9 3.04 -6.47 0.00
C THR A 9 1.77 -6.75 0.81
N GLY A 10 1.94 -6.93 2.11
CA GLY A 10 0.81 -7.11 3.00
C GLY A 10 0.15 -5.78 3.33
N TYR A 11 0.74 -4.71 2.81
CA TYR A 11 0.24 -3.37 3.00
C TYR A 11 -0.15 -2.76 1.67
N GLN A 12 -0.66 -1.55 1.71
CA GLN A 12 -1.05 -0.85 0.51
C GLN A 12 -1.10 0.65 0.79
N ARG A 13 -1.44 1.43 -0.24
CA ARG A 13 -1.50 2.87 -0.08
C ARG A 13 -2.87 3.30 0.38
N THR A 14 -2.88 4.18 1.37
CA THR A 14 -4.11 4.77 1.85
C THR A 14 -4.51 5.93 0.94
N ALA A 15 -5.46 6.74 1.39
CA ALA A 15 -5.94 7.87 0.59
C ALA A 15 -4.79 8.82 0.20
N ASP A 16 -3.84 9.00 1.11
CA ASP A 16 -2.72 9.90 0.88
C ASP A 16 -1.45 9.15 0.57
N GLY A 17 -1.57 7.84 0.45
CA GLY A 17 -0.41 7.02 0.18
C GLY A 17 0.36 6.67 1.43
N ARG A 18 -0.34 6.35 2.50
CA ARG A 18 0.30 5.83 3.70
C ARG A 18 0.16 4.31 3.68
N CYS A 19 0.70 3.64 4.68
CA CYS A 19 0.73 2.19 4.66
C CYS A 19 -0.32 1.59 5.60
N LYS A 20 -1.19 0.75 5.04
CA LYS A 20 -2.17 0.02 5.83
C LYS A 20 -2.28 -1.41 5.30
N PRO A 21 -2.49 -2.40 6.18
CA PRO A 21 -2.70 -3.79 5.79
C PRO A 21 -3.81 -3.93 4.75
N THR A 22 -3.66 -4.90 3.87
CA THR A 22 -4.58 -5.07 2.76
C THR A 22 -5.80 -5.91 3.12
N PHE A 23 -5.67 -6.70 4.19
CA PHE A 23 -6.72 -7.62 4.62
C PHE A 23 -7.09 -8.58 3.50
N GLU A 1 -1.85 3.72 -18.15
CA GLU A 1 -0.68 4.33 -17.48
C GLU A 1 -0.79 4.15 -15.97
N ASN A 2 -1.93 3.64 -15.53
CA ASN A 2 -2.22 3.48 -14.11
C ASN A 2 -1.71 2.14 -13.58
N PHE A 3 -0.83 2.21 -12.59
CA PHE A 3 -0.33 1.02 -11.92
C PHE A 3 -0.24 1.28 -10.42
N ALA A 4 -1.18 0.72 -9.66
CA ALA A 4 -1.21 0.92 -8.23
C ALA A 4 -0.85 -0.37 -7.49
N ALA A 5 0.26 -0.35 -6.78
CA ALA A 5 0.69 -1.50 -5.99
C ALA A 5 0.29 -1.32 -4.53
N GLY A 6 0.65 -0.19 -3.96
CA GLY A 6 0.33 0.08 -2.58
C GLY A 6 1.55 0.42 -1.76
N CYS A 7 1.83 -0.39 -0.75
CA CYS A 7 2.96 -0.15 0.13
C CYS A 7 3.87 -1.38 0.21
N ALA A 8 3.66 -2.20 1.22
CA ALA A 8 4.47 -3.39 1.43
C ALA A 8 3.83 -4.60 0.75
N THR A 9 4.41 -5.77 0.96
CA THR A 9 3.84 -7.00 0.41
C THR A 9 2.48 -7.30 1.07
N GLY A 10 2.29 -6.80 2.29
CA GLY A 10 1.01 -6.93 2.97
C GLY A 10 0.43 -5.59 3.33
N TYR A 11 0.85 -4.56 2.64
CA TYR A 11 0.38 -3.20 2.89
C TYR A 11 0.05 -2.50 1.59
N GLN A 12 -0.90 -1.61 1.64
CA GLN A 12 -1.27 -0.81 0.49
C GLN A 12 -1.35 0.66 0.90
N ARG A 13 -1.16 1.57 -0.04
CA ARG A 13 -1.22 2.98 0.27
C ARG A 13 -2.64 3.46 0.12
N THR A 14 -2.97 4.41 0.95
CA THR A 14 -4.28 5.00 0.92
C THR A 14 -4.22 6.33 0.17
N ALA A 15 -5.24 7.15 0.32
CA ALA A 15 -5.28 8.46 -0.34
C ALA A 15 -4.04 9.27 0.00
N ASP A 16 -3.56 9.12 1.22
CA ASP A 16 -2.44 9.92 1.71
C ASP A 16 -1.11 9.24 1.43
N GLY A 17 -1.16 8.04 0.88
CA GLY A 17 0.04 7.27 0.69
C GLY A 17 0.42 6.56 1.97
N ARG A 18 -0.47 6.65 2.96
CA ARG A 18 -0.26 6.03 4.25
C ARG A 18 -0.59 4.54 4.16
N CYS A 19 0.30 3.71 4.68
CA CYS A 19 0.22 2.28 4.52
C CYS A 19 -0.80 1.64 5.46
N LYS A 20 -1.71 0.87 4.90
CA LYS A 20 -2.62 0.04 5.68
C LYS A 20 -2.48 -1.41 5.23
N PRO A 21 -2.55 -2.36 6.18
CA PRO A 21 -2.40 -3.79 5.90
C PRO A 21 -3.58 -4.32 5.09
N THR A 22 -3.29 -5.25 4.20
CA THR A 22 -4.32 -5.85 3.37
C THR A 22 -4.82 -7.16 3.98
N PHE A 23 -6.05 -7.17 4.45
CA PHE A 23 -6.64 -8.34 5.08
C PHE A 23 -7.59 -9.03 4.10
N GLU A 1 13.79 1.21 -13.35
CA GLU A 1 12.33 1.24 -13.15
C GLU A 1 11.89 0.30 -12.02
N ASN A 2 11.37 -0.88 -12.37
CA ASN A 2 10.80 -1.84 -11.42
C ASN A 2 9.48 -1.34 -10.86
N PHE A 3 8.43 -2.13 -11.05
CA PHE A 3 7.09 -1.75 -10.64
C PHE A 3 6.83 -2.16 -9.19
N ALA A 4 6.34 -1.23 -8.39
CA ALA A 4 6.02 -1.50 -7.00
C ALA A 4 4.61 -1.03 -6.67
N ALA A 5 3.66 -1.94 -6.75
CA ALA A 5 2.26 -1.62 -6.44
C ALA A 5 1.93 -1.92 -4.98
N GLY A 6 1.60 -0.87 -4.23
CA GLY A 6 1.20 -1.03 -2.85
C GLY A 6 2.17 -0.37 -1.89
N CYS A 7 2.37 -0.99 -0.74
CA CYS A 7 3.37 -0.53 0.21
C CYS A 7 4.32 -1.68 0.54
N ALA A 8 3.96 -2.44 1.55
CA ALA A 8 4.67 -3.66 1.88
C ALA A 8 4.03 -4.84 1.16
N THR A 9 4.51 -6.04 1.44
CA THR A 9 3.97 -7.23 0.81
C THR A 9 2.48 -7.40 1.14
N GLY A 10 2.11 -7.07 2.37
CA GLY A 10 0.73 -7.13 2.77
C GLY A 10 0.18 -5.76 3.11
N TYR A 11 0.72 -4.73 2.47
CA TYR A 11 0.30 -3.36 2.71
C TYR A 11 0.11 -2.62 1.39
N GLN A 12 -0.58 -1.50 1.46
CA GLN A 12 -0.77 -0.64 0.30
C GLN A 12 -0.98 0.80 0.75
N ARG A 13 -1.08 1.72 -0.20
CA ARG A 13 -1.25 3.12 0.14
C ARG A 13 -2.72 3.46 0.28
N THR A 14 -3.02 4.26 1.28
CA THR A 14 -4.34 4.81 1.46
C THR A 14 -4.48 6.05 0.58
N ALA A 15 -5.59 6.77 0.70
CA ALA A 15 -5.76 7.99 -0.07
C ALA A 15 -4.82 9.08 0.41
N ASP A 16 -4.08 8.79 1.48
CA ASP A 16 -3.14 9.74 2.04
C ASP A 16 -1.70 9.30 1.76
N GLY A 17 -1.56 8.26 0.96
CA GLY A 17 -0.25 7.79 0.55
C GLY A 17 0.47 7.01 1.62
N ARG A 18 -0.22 6.77 2.74
CA ARG A 18 0.38 6.05 3.85
C ARG A 18 -0.01 4.57 3.80
N CYS A 19 0.76 3.75 4.48
CA CYS A 19 0.66 2.31 4.32
C CYS A 19 -0.36 1.68 5.27
N LYS A 20 -1.33 1.00 4.68
CA LYS A 20 -2.35 0.27 5.42
C LYS A 20 -2.33 -1.20 5.03
N PRO A 21 -2.48 -2.12 6.01
CA PRO A 21 -2.59 -3.54 5.73
C PRO A 21 -3.76 -3.85 4.81
N THR A 22 -3.60 -4.88 3.99
CA THR A 22 -4.60 -5.19 2.99
C THR A 22 -5.70 -6.07 3.54
N PHE A 23 -6.93 -5.54 3.47
CA PHE A 23 -8.11 -6.28 3.92
C PHE A 23 -9.15 -6.24 2.80
N GLU A 1 -3.79 -0.72 -14.46
CA GLU A 1 -5.13 -0.58 -13.85
C GLU A 1 -5.48 -1.80 -13.02
N ASN A 2 -5.00 -2.96 -13.44
CA ASN A 2 -5.29 -4.23 -12.77
C ASN A 2 -4.83 -4.20 -11.32
N PHE A 3 -3.60 -3.76 -11.10
CA PHE A 3 -3.07 -3.64 -9.76
C PHE A 3 -2.26 -2.37 -9.64
N ALA A 4 -2.37 -1.72 -8.50
CA ALA A 4 -1.60 -0.52 -8.22
C ALA A 4 -0.67 -0.75 -7.06
N ALA A 5 0.47 -0.06 -7.05
CA ALA A 5 1.46 -0.25 -6.01
C ALA A 5 1.05 0.48 -4.74
N GLY A 6 0.75 -0.28 -3.69
CA GLY A 6 0.36 0.30 -2.43
C GLY A 6 1.55 0.64 -1.56
N CYS A 7 1.85 -0.21 -0.60
CA CYS A 7 3.00 0.00 0.27
C CYS A 7 3.88 -1.26 0.28
N ALA A 8 3.68 -2.11 1.27
CA ALA A 8 4.43 -3.34 1.39
C ALA A 8 3.68 -4.48 0.69
N THR A 9 4.24 -5.68 0.74
CA THR A 9 3.56 -6.84 0.18
C THR A 9 2.34 -7.23 1.01
N GLY A 10 2.37 -6.81 2.28
CA GLY A 10 1.22 -7.02 3.15
C GLY A 10 0.56 -5.71 3.50
N TYR A 11 0.87 -4.67 2.72
CA TYR A 11 0.33 -3.34 2.97
C TYR A 11 -0.12 -2.70 1.67
N GLN A 12 -0.75 -1.54 1.81
CA GLN A 12 -1.25 -0.80 0.67
C GLN A 12 -1.19 0.69 1.00
N ARG A 13 -1.45 1.53 0.03
CA ARG A 13 -1.42 2.97 0.26
C ARG A 13 -2.83 3.51 0.34
N THR A 14 -3.02 4.41 1.28
CA THR A 14 -4.26 5.12 1.41
C THR A 14 -4.31 6.25 0.39
N ALA A 15 -5.32 7.10 0.47
CA ALA A 15 -5.44 8.24 -0.44
C ALA A 15 -4.20 9.13 -0.36
N ASP A 16 -3.59 9.19 0.81
CA ASP A 16 -2.43 10.04 1.04
C ASP A 16 -1.12 9.26 0.94
N GLY A 17 -1.21 7.93 0.97
CA GLY A 17 -0.01 7.13 0.84
C GLY A 17 0.44 6.51 2.15
N ARG A 18 -0.47 6.45 3.11
CA ARG A 18 -0.18 5.78 4.38
C ARG A 18 -0.32 4.28 4.20
N CYS A 19 0.55 3.52 4.84
CA CYS A 19 0.57 2.08 4.65
C CYS A 19 -0.47 1.38 5.51
N LYS A 20 -1.50 0.86 4.86
CA LYS A 20 -2.58 0.15 5.53
C LYS A 20 -2.49 -1.33 5.19
N PRO A 21 -2.66 -2.23 6.18
CA PRO A 21 -2.62 -3.68 5.96
C PRO A 21 -3.61 -4.13 4.88
N THR A 22 -3.19 -5.09 4.07
CA THR A 22 -4.06 -5.62 3.01
C THR A 22 -4.86 -6.80 3.52
N PHE A 23 -6.17 -6.74 3.32
CA PHE A 23 -7.07 -7.77 3.78
C PHE A 23 -7.34 -8.76 2.66
N GLU A 1 11.89 -6.17 -2.16
CA GLU A 1 10.43 -6.00 -2.32
C GLU A 1 10.15 -5.15 -3.56
N ASN A 2 10.38 -3.83 -3.44
CA ASN A 2 10.14 -2.86 -4.53
C ASN A 2 8.64 -2.77 -4.85
N PHE A 3 8.06 -1.63 -4.53
CA PHE A 3 6.63 -1.40 -4.74
C PHE A 3 6.41 -0.23 -5.69
N ALA A 4 5.25 -0.21 -6.32
CA ALA A 4 4.90 0.87 -7.23
C ALA A 4 3.56 1.50 -6.83
N ALA A 5 2.52 0.68 -6.79
CA ALA A 5 1.18 1.17 -6.51
C ALA A 5 0.75 0.91 -5.07
N GLY A 6 1.35 -0.09 -4.43
CA GLY A 6 1.00 -0.42 -3.06
C GLY A 6 2.07 0.04 -2.08
N CYS A 7 2.08 -0.58 -0.90
CA CYS A 7 3.12 -0.28 0.08
C CYS A 7 4.01 -1.50 0.29
N ALA A 8 3.71 -2.27 1.32
CA ALA A 8 4.49 -3.46 1.63
C ALA A 8 3.89 -4.68 0.94
N THR A 9 4.48 -5.83 1.22
CA THR A 9 3.99 -7.09 0.68
C THR A 9 2.57 -7.38 1.16
N GLY A 10 2.26 -6.88 2.34
CA GLY A 10 0.91 -7.00 2.87
C GLY A 10 0.32 -5.65 3.24
N TYR A 11 0.74 -4.61 2.51
CA TYR A 11 0.27 -3.26 2.76
C TYR A 11 -0.05 -2.56 1.46
N GLN A 12 -0.84 -1.50 1.56
CA GLN A 12 -1.22 -0.74 0.40
C GLN A 12 -1.29 0.74 0.74
N ARG A 13 -1.31 1.60 -0.27
CA ARG A 13 -1.35 3.03 -0.03
C ARG A 13 -2.78 3.50 0.06
N THR A 14 -3.08 4.20 1.12
CA THR A 14 -4.38 4.82 1.29
C THR A 14 -4.42 6.12 0.50
N ALA A 15 -5.52 6.87 0.59
CA ALA A 15 -5.68 8.12 -0.16
C ALA A 15 -4.81 9.24 0.44
N ASP A 16 -3.55 8.91 0.69
CA ASP A 16 -2.61 9.83 1.30
C ASP A 16 -1.18 9.39 1.06
N GLY A 17 -0.97 8.09 1.05
CA GLY A 17 0.37 7.56 1.00
C GLY A 17 0.71 6.82 2.26
N ARG A 18 -0.25 6.80 3.18
CA ARG A 18 -0.12 6.05 4.42
C ARG A 18 -0.38 4.57 4.15
N CYS A 19 0.48 3.72 4.68
CA CYS A 19 0.41 2.29 4.42
C CYS A 19 -0.55 1.61 5.39
N LYS A 20 -1.51 0.87 4.84
CA LYS A 20 -2.45 0.11 5.64
C LYS A 20 -2.41 -1.36 5.22
N PRO A 21 -2.49 -2.30 6.18
CA PRO A 21 -2.50 -3.74 5.91
C PRO A 21 -3.62 -4.12 4.95
N THR A 22 -3.34 -5.10 4.11
CA THR A 22 -4.29 -5.52 3.10
C THR A 22 -5.24 -6.59 3.62
N PHE A 23 -6.53 -6.27 3.59
CA PHE A 23 -7.55 -7.21 4.03
C PHE A 23 -8.41 -7.60 2.84
N GLU A 1 4.56 3.13 -14.31
CA GLU A 1 6.01 3.04 -14.56
C GLU A 1 6.77 3.86 -13.52
N ASN A 2 6.13 4.91 -13.02
CA ASN A 2 6.68 5.66 -11.89
C ASN A 2 6.01 5.18 -10.61
N PHE A 3 6.49 5.66 -9.48
CA PHE A 3 5.95 5.21 -8.21
C PHE A 3 5.94 6.35 -7.19
N ALA A 4 4.98 6.30 -6.28
CA ALA A 4 4.89 7.29 -5.22
C ALA A 4 4.93 6.62 -3.86
N ALA A 5 3.81 6.02 -3.47
CA ALA A 5 3.73 5.31 -2.21
C ALA A 5 3.80 3.81 -2.43
N GLY A 6 4.99 3.24 -2.28
CA GLY A 6 5.15 1.81 -2.44
C GLY A 6 5.20 1.10 -1.11
N CYS A 7 4.03 0.75 -0.57
CA CYS A 7 3.95 0.09 0.72
C CYS A 7 4.24 -1.41 0.59
N ALA A 8 4.25 -2.10 1.72
CA ALA A 8 4.60 -3.52 1.76
C ALA A 8 3.66 -4.38 0.94
N THR A 9 4.03 -5.63 0.75
CA THR A 9 3.19 -6.60 0.05
C THR A 9 1.95 -6.92 0.87
N GLY A 10 2.08 -6.87 2.19
CA GLY A 10 0.94 -7.06 3.06
C GLY A 10 0.28 -5.74 3.40
N TYR A 11 0.67 -4.69 2.70
CA TYR A 11 0.13 -3.37 2.92
C TYR A 11 -0.28 -2.75 1.58
N GLN A 12 -0.79 -1.54 1.63
CA GLN A 12 -1.19 -0.83 0.44
C GLN A 12 -1.21 0.65 0.73
N ARG A 13 -1.38 1.48 -0.29
CA ARG A 13 -1.40 2.92 -0.09
C ARG A 13 -2.80 3.40 0.20
N THR A 14 -2.90 4.31 1.15
CA THR A 14 -4.16 4.91 1.50
C THR A 14 -4.40 6.13 0.61
N ALA A 15 -5.38 6.94 0.96
CA ALA A 15 -5.68 8.15 0.20
C ALA A 15 -4.48 9.10 0.18
N ASP A 16 -3.71 9.07 1.26
CA ASP A 16 -2.54 9.94 1.39
C ASP A 16 -1.26 9.13 1.23
N GLY A 17 -1.39 7.96 0.63
CA GLY A 17 -0.23 7.15 0.34
C GLY A 17 0.42 6.56 1.58
N ARG A 18 -0.37 6.39 2.63
CA ARG A 18 0.13 5.76 3.84
C ARG A 18 -0.06 4.25 3.73
N CYS A 19 0.53 3.50 4.63
CA CYS A 19 0.50 2.06 4.53
C CYS A 19 -0.59 1.44 5.39
N LYS A 20 -1.58 0.86 4.74
CA LYS A 20 -2.66 0.16 5.42
C LYS A 20 -2.56 -1.33 5.14
N PRO A 21 -2.75 -2.17 6.18
CA PRO A 21 -2.69 -3.63 6.04
C PRO A 21 -3.76 -4.17 5.09
N THR A 22 -3.37 -5.06 4.19
CA THR A 22 -4.30 -5.64 3.24
C THR A 22 -5.07 -6.79 3.87
N PHE A 23 -6.38 -6.78 3.71
CA PHE A 23 -7.25 -7.80 4.26
C PHE A 23 -7.59 -8.83 3.20
N GLU A 1 7.79 -7.03 -9.54
CA GLU A 1 8.89 -6.34 -10.27
C GLU A 1 8.34 -5.17 -11.10
N ASN A 2 7.63 -5.50 -12.17
CA ASN A 2 7.13 -4.51 -13.12
C ASN A 2 6.24 -3.47 -12.46
N PHE A 3 5.17 -3.93 -11.82
CA PHE A 3 4.22 -3.03 -11.21
C PHE A 3 3.95 -3.41 -9.76
N ALA A 4 4.79 -2.95 -8.87
CA ALA A 4 4.58 -3.15 -7.44
C ALA A 4 3.75 -2.01 -6.86
N ALA A 5 2.48 -2.28 -6.64
CA ALA A 5 1.55 -1.25 -6.18
C ALA A 5 1.26 -1.41 -4.70
N GLY A 6 1.13 -0.29 -4.00
CA GLY A 6 0.78 -0.32 -2.60
C GLY A 6 1.91 0.14 -1.71
N CYS A 7 2.29 -0.70 -0.76
CA CYS A 7 3.41 -0.43 0.13
C CYS A 7 4.25 -1.68 0.33
N ALA A 8 3.92 -2.46 1.34
CA ALA A 8 4.56 -3.76 1.54
C ALA A 8 3.76 -4.84 0.83
N THR A 9 4.20 -6.08 0.97
CA THR A 9 3.49 -7.20 0.37
C THR A 9 2.08 -7.32 0.95
N GLY A 10 1.94 -7.03 2.25
CA GLY A 10 0.64 -7.04 2.88
C GLY A 10 0.18 -5.65 3.26
N TYR A 11 0.70 -4.64 2.56
CA TYR A 11 0.35 -3.25 2.81
C TYR A 11 0.06 -2.53 1.50
N GLN A 12 -0.53 -1.35 1.62
CA GLN A 12 -0.82 -0.54 0.46
C GLN A 12 -1.00 0.91 0.90
N ARG A 13 -0.61 1.86 0.06
CA ARG A 13 -0.81 3.25 0.39
C ARG A 13 -2.17 3.70 -0.06
N THR A 14 -2.91 4.24 0.88
CA THR A 14 -4.27 4.66 0.65
C THR A 14 -4.28 6.04 -0.03
N ALA A 15 -5.43 6.71 -0.02
CA ALA A 15 -5.53 8.03 -0.61
C ALA A 15 -4.66 9.04 0.14
N ASP A 16 -4.18 8.64 1.31
CA ASP A 16 -3.34 9.51 2.14
C ASP A 16 -1.87 9.15 2.01
N GLY A 17 -1.59 8.14 1.19
CA GLY A 17 -0.23 7.69 0.99
C GLY A 17 0.29 6.91 2.18
N ARG A 18 -0.62 6.51 3.06
CA ARG A 18 -0.25 5.78 4.25
C ARG A 18 -0.34 4.29 4.00
N CYS A 19 0.66 3.56 4.49
CA CYS A 19 0.72 2.13 4.29
C CYS A 19 -0.20 1.41 5.27
N LYS A 20 -1.39 1.06 4.79
CA LYS A 20 -2.39 0.39 5.59
C LYS A 20 -2.32 -1.11 5.29
N PRO A 21 -2.44 -1.97 6.33
CA PRO A 21 -2.46 -3.42 6.14
C PRO A 21 -3.65 -3.85 5.28
N THR A 22 -3.36 -4.51 4.17
CA THR A 22 -4.41 -4.97 3.28
C THR A 22 -4.80 -6.41 3.56
N PHE A 23 -6.08 -6.62 3.80
CA PHE A 23 -6.59 -7.93 4.14
C PHE A 23 -7.24 -8.59 2.94
N GLU A 1 -9.22 -10.71 -11.43
CA GLU A 1 -7.95 -10.08 -11.85
C GLU A 1 -7.10 -9.78 -10.62
N ASN A 2 -5.80 -10.03 -10.73
CA ASN A 2 -4.90 -9.85 -9.61
C ASN A 2 -4.50 -8.38 -9.49
N PHE A 3 -4.34 -7.92 -8.26
CA PHE A 3 -4.02 -6.52 -8.00
C PHE A 3 -2.56 -6.35 -7.62
N ALA A 4 -2.16 -5.12 -7.36
CA ALA A 4 -0.78 -4.83 -7.00
C ALA A 4 -0.73 -4.06 -5.67
N ALA A 5 0.41 -4.13 -4.99
CA ALA A 5 0.55 -3.51 -3.68
C ALA A 5 1.18 -2.12 -3.79
N GLY A 6 1.00 -1.31 -2.76
CA GLY A 6 1.52 0.04 -2.78
C GLY A 6 2.60 0.27 -1.74
N CYS A 7 2.59 -0.54 -0.69
CA CYS A 7 3.59 -0.41 0.36
C CYS A 7 4.37 -1.72 0.54
N ALA A 8 3.93 -2.53 1.49
CA ALA A 8 4.55 -3.83 1.74
C ALA A 8 3.85 -4.90 0.93
N THR A 9 4.26 -6.15 1.11
CA THR A 9 3.62 -7.27 0.43
C THR A 9 2.23 -7.54 1.02
N GLY A 10 1.92 -6.86 2.11
CA GLY A 10 0.61 -6.93 2.70
C GLY A 10 0.13 -5.56 3.11
N TYR A 11 0.69 -4.53 2.49
CA TYR A 11 0.34 -3.15 2.78
C TYR A 11 0.14 -2.37 1.49
N GLN A 12 -0.62 -1.31 1.56
CA GLN A 12 -0.94 -0.52 0.38
C GLN A 12 -1.02 0.95 0.75
N ARG A 13 -0.81 1.85 -0.21
CA ARG A 13 -0.93 3.27 0.06
C ARG A 13 -2.35 3.72 -0.15
N THR A 14 -2.92 4.24 0.91
CA THR A 14 -4.29 4.68 0.91
C THR A 14 -4.40 6.08 0.27
N ALA A 15 -5.52 6.75 0.52
CA ALA A 15 -5.76 8.07 -0.07
C ALA A 15 -4.65 9.06 0.29
N ASP A 16 -4.01 8.85 1.43
CA ASP A 16 -2.98 9.77 1.90
C ASP A 16 -1.59 9.24 1.58
N GLY A 17 -1.53 8.11 0.92
CA GLY A 17 -0.24 7.48 0.66
C GLY A 17 0.27 6.74 1.87
N ARG A 18 -0.61 6.55 2.84
CA ARG A 18 -0.25 5.90 4.09
C ARG A 18 -0.34 4.38 3.94
N CYS A 19 0.58 3.68 4.58
CA CYS A 19 0.64 2.23 4.49
C CYS A 19 -0.33 1.56 5.46
N LYS A 20 -1.45 1.07 4.94
CA LYS A 20 -2.37 0.27 5.73
C LYS A 20 -2.30 -1.18 5.29
N PRO A 21 -2.48 -2.12 6.23
CA PRO A 21 -2.44 -3.55 5.93
C PRO A 21 -3.69 -4.00 5.17
N THR A 22 -3.47 -4.70 4.06
CA THR A 22 -4.56 -5.26 3.28
C THR A 22 -4.87 -6.67 3.74
N PHE A 23 -3.89 -7.28 4.40
CA PHE A 23 -4.00 -8.63 4.94
C PHE A 23 -4.15 -9.65 3.81
N GLU A 1 0.08 8.27 -11.51
CA GLU A 1 -1.12 7.76 -12.24
C GLU A 1 -1.30 6.26 -12.01
N ASN A 2 -0.55 5.44 -12.73
CA ASN A 2 -0.69 3.99 -12.64
C ASN A 2 -0.01 3.47 -11.37
N PHE A 3 -0.51 2.37 -10.84
CA PHE A 3 0.05 1.78 -9.63
C PHE A 3 0.87 0.55 -9.97
N ALA A 4 2.03 0.42 -9.35
CA ALA A 4 2.86 -0.76 -9.52
C ALA A 4 2.71 -1.66 -8.31
N ALA A 5 2.55 -1.05 -7.15
CA ALA A 5 2.35 -1.76 -5.89
C ALA A 5 1.72 -0.82 -4.87
N GLY A 6 1.35 -1.36 -3.72
CA GLY A 6 0.79 -0.55 -2.66
C GLY A 6 1.88 0.01 -1.75
N CYS A 7 2.17 -0.71 -0.69
CA CYS A 7 3.25 -0.35 0.22
C CYS A 7 4.17 -1.55 0.44
N ALA A 8 3.83 -2.37 1.42
CA ALA A 8 4.53 -3.63 1.65
C ALA A 8 3.85 -4.75 0.90
N THR A 9 4.35 -5.97 1.07
CA THR A 9 3.70 -7.15 0.50
C THR A 9 2.33 -7.38 1.15
N GLY A 10 2.18 -6.88 2.38
CA GLY A 10 0.91 -6.97 3.06
C GLY A 10 0.35 -5.59 3.37
N TYR A 11 0.75 -4.61 2.59
CA TYR A 11 0.30 -3.23 2.79
C TYR A 11 0.06 -2.54 1.47
N GLN A 12 -0.72 -1.47 1.51
CA GLN A 12 -0.99 -0.67 0.34
C GLN A 12 -1.10 0.80 0.73
N ARG A 13 -1.17 1.68 -0.26
CA ARG A 13 -1.30 3.11 0.03
C ARG A 13 -2.75 3.50 0.17
N THR A 14 -3.00 4.39 1.10
CA THR A 14 -4.31 4.99 1.23
C THR A 14 -4.34 6.25 0.37
N ALA A 15 -5.43 7.00 0.43
CA ALA A 15 -5.53 8.25 -0.31
C ALA A 15 -4.47 9.25 0.16
N ASP A 16 -3.87 8.95 1.31
CA ASP A 16 -2.85 9.82 1.88
C ASP A 16 -1.46 9.21 1.77
N GLY A 17 -1.36 8.13 1.01
CA GLY A 17 -0.08 7.50 0.77
C GLY A 17 0.42 6.72 1.97
N ARG A 18 -0.40 6.61 3.00
CA ARG A 18 -0.02 5.87 4.20
C ARG A 18 -0.20 4.39 3.96
N CYS A 19 0.59 3.58 4.63
CA CYS A 19 0.56 2.14 4.40
C CYS A 19 -0.50 1.47 5.25
N LYS A 20 -1.54 1.01 4.58
CA LYS A 20 -2.64 0.30 5.21
C LYS A 20 -2.48 -1.20 5.00
N PRO A 21 -2.71 -2.00 6.05
CA PRO A 21 -2.61 -3.46 5.95
C PRO A 21 -3.64 -4.04 4.97
N THR A 22 -3.22 -5.02 4.19
CA THR A 22 -4.11 -5.66 3.23
C THR A 22 -4.86 -6.82 3.89
N PHE A 23 -4.49 -7.12 5.13
CA PHE A 23 -5.15 -8.14 5.95
C PHE A 23 -5.09 -9.51 5.27
N GLU A 1 10.97 -2.79 -0.06
CA GLU A 1 12.33 -2.84 0.54
C GLU A 1 13.38 -2.82 -0.57
N ASN A 2 14.21 -1.79 -0.58
CA ASN A 2 15.18 -1.53 -1.66
C ASN A 2 14.45 -1.05 -2.91
N PHE A 3 13.49 -1.84 -3.36
CA PHE A 3 12.62 -1.45 -4.45
C PHE A 3 11.52 -0.54 -3.92
N ALA A 4 11.47 0.68 -4.42
CA ALA A 4 10.48 1.65 -3.97
C ALA A 4 9.16 1.46 -4.70
N ALA A 5 8.27 0.70 -4.10
CA ALA A 5 6.94 0.48 -4.66
C ALA A 5 5.86 1.05 -3.74
N GLY A 6 6.29 1.84 -2.76
CA GLY A 6 5.35 2.42 -1.83
C GLY A 6 5.31 1.69 -0.50
N CYS A 7 4.41 0.73 -0.38
CA CYS A 7 4.20 0.02 0.88
C CYS A 7 4.47 -1.47 0.72
N ALA A 8 4.37 -2.20 1.83
CA ALA A 8 4.62 -3.63 1.86
C ALA A 8 3.63 -4.40 0.98
N THR A 9 3.93 -5.66 0.73
CA THR A 9 3.07 -6.52 -0.07
C THR A 9 1.75 -6.78 0.65
N GLY A 10 1.81 -6.91 1.98
CA GLY A 10 0.61 -7.08 2.77
C GLY A 10 -0.01 -5.76 3.17
N TYR A 11 0.55 -4.69 2.62
CA TYR A 11 0.08 -3.35 2.87
C TYR A 11 -0.23 -2.68 1.55
N GLN A 12 -0.66 -1.43 1.60
CA GLN A 12 -0.88 -0.65 0.40
C GLN A 12 -0.92 0.81 0.74
N ARG A 13 -0.91 1.67 -0.29
CA ARG A 13 -1.02 3.10 -0.06
C ARG A 13 -2.49 3.50 -0.04
N THR A 14 -2.88 4.11 1.05
CA THR A 14 -4.26 4.51 1.25
C THR A 14 -4.55 5.82 0.52
N ALA A 15 -5.69 6.43 0.81
CA ALA A 15 -6.09 7.69 0.18
C ALA A 15 -5.24 8.86 0.68
N ASP A 16 -3.94 8.62 0.81
CA ASP A 16 -2.98 9.63 1.24
C ASP A 16 -1.58 9.20 0.84
N GLY A 17 -1.35 7.89 0.83
CA GLY A 17 -0.03 7.38 0.53
C GLY A 17 0.57 6.63 1.71
N ARG A 18 -0.18 6.57 2.80
CA ARG A 18 0.28 5.86 3.99
C ARG A 18 0.06 4.37 3.81
N CYS A 19 0.72 3.59 4.66
CA CYS A 19 0.72 2.15 4.51
C CYS A 19 -0.19 1.48 5.53
N LYS A 20 -1.29 0.91 5.05
CA LYS A 20 -2.19 0.14 5.89
C LYS A 20 -2.33 -1.27 5.35
N PRO A 21 -2.49 -2.26 6.25
CA PRO A 21 -2.62 -3.66 5.87
C PRO A 21 -3.87 -3.92 5.03
N THR A 22 -3.77 -4.88 4.13
CA THR A 22 -4.88 -5.25 3.27
C THR A 22 -5.73 -6.34 3.91
N PHE A 23 -5.24 -6.84 5.04
CA PHE A 23 -5.92 -7.88 5.83
C PHE A 23 -6.10 -9.15 5.01
N GLU A 1 3.68 -12.29 -4.95
CA GLU A 1 3.80 -12.26 -6.42
C GLU A 1 4.31 -10.92 -6.92
N ASN A 2 3.43 -9.91 -6.90
CA ASN A 2 3.76 -8.62 -7.48
C ASN A 2 4.75 -7.84 -6.62
N PHE A 3 5.55 -7.01 -7.28
CA PHE A 3 6.49 -6.14 -6.60
C PHE A 3 5.88 -4.75 -6.43
N ALA A 4 5.65 -4.35 -5.19
CA ALA A 4 5.02 -3.07 -4.93
C ALA A 4 5.94 -2.14 -4.15
N ALA A 5 6.24 -0.99 -4.74
CA ALA A 5 6.98 0.05 -4.06
C ALA A 5 6.02 0.96 -3.30
N GLY A 6 6.51 1.64 -2.28
CA GLY A 6 5.65 2.49 -1.48
C GLY A 6 5.27 1.84 -0.17
N CYS A 7 4.42 0.83 -0.24
CA CYS A 7 4.04 0.08 0.93
C CYS A 7 4.28 -1.41 0.69
N ALA A 8 4.27 -2.17 1.77
CA ALA A 8 4.63 -3.59 1.75
C ALA A 8 3.68 -4.42 0.89
N THR A 9 4.05 -5.68 0.69
CA THR A 9 3.24 -6.64 -0.04
C THR A 9 1.92 -6.91 0.69
N GLY A 10 1.98 -6.88 2.01
CA GLY A 10 0.79 -7.07 2.81
C GLY A 10 0.13 -5.74 3.14
N TYR A 11 0.66 -4.68 2.54
CA TYR A 11 0.14 -3.34 2.74
C TYR A 11 -0.25 -2.73 1.40
N GLN A 12 -0.77 -1.52 1.45
CA GLN A 12 -1.03 -0.76 0.26
C GLN A 12 -1.17 0.71 0.63
N ARG A 13 -1.23 1.58 -0.37
CA ARG A 13 -1.29 3.01 -0.11
C ARG A 13 -2.74 3.46 0.04
N THR A 14 -2.95 4.31 1.03
CA THR A 14 -4.25 4.89 1.27
C THR A 14 -4.43 6.15 0.41
N ALA A 15 -5.43 6.96 0.73
CA ALA A 15 -5.69 8.18 -0.01
C ALA A 15 -4.54 9.18 0.13
N ASP A 16 -3.72 8.99 1.16
CA ASP A 16 -2.59 9.88 1.37
C ASP A 16 -1.28 9.16 1.08
N GLY A 17 -1.38 7.87 0.82
CA GLY A 17 -0.19 7.08 0.59
C GLY A 17 0.34 6.48 1.85
N ARG A 18 -0.51 6.38 2.86
CA ARG A 18 -0.12 5.71 4.10
C ARG A 18 -0.22 4.22 3.90
N CYS A 19 0.53 3.46 4.68
CA CYS A 19 0.57 2.02 4.51
C CYS A 19 -0.48 1.31 5.36
N LYS A 20 -1.58 0.96 4.71
CA LYS A 20 -2.66 0.25 5.36
C LYS A 20 -2.53 -1.25 5.12
N PRO A 21 -2.56 -2.07 6.18
CA PRO A 21 -2.52 -3.53 6.06
C PRO A 21 -3.71 -4.06 5.27
N THR A 22 -3.49 -5.14 4.53
CA THR A 22 -4.55 -5.75 3.75
C THR A 22 -5.18 -6.91 4.50
N PHE A 23 -4.61 -7.22 5.66
CA PHE A 23 -5.10 -8.27 6.54
C PHE A 23 -4.99 -9.64 5.86
N GLU A 1 -5.47 -8.22 -8.89
CA GLU A 1 -6.40 -8.10 -7.75
C GLU A 1 -5.70 -8.46 -6.43
N ASN A 2 -4.77 -9.41 -6.46
CA ASN A 2 -4.14 -9.88 -5.22
C ASN A 2 -2.91 -9.06 -4.88
N PHE A 3 -2.38 -8.37 -5.86
CA PHE A 3 -1.23 -7.51 -5.65
C PHE A 3 -1.68 -6.06 -5.45
N ALA A 4 -1.62 -5.60 -4.21
CA ALA A 4 -2.00 -4.23 -3.89
C ALA A 4 -0.80 -3.30 -4.10
N ALA A 5 -0.88 -2.48 -5.12
CA ALA A 5 0.20 -1.57 -5.45
C ALA A 5 0.17 -0.34 -4.57
N GLY A 6 0.68 -0.46 -3.35
CA GLY A 6 0.63 0.63 -2.41
C GLY A 6 1.88 0.76 -1.58
N CYS A 7 1.97 -0.04 -0.52
CA CYS A 7 3.09 0.09 0.41
C CYS A 7 3.97 -1.17 0.37
N ALA A 8 3.80 -2.02 1.36
CA ALA A 8 4.59 -3.24 1.49
C ALA A 8 3.92 -4.42 0.82
N THR A 9 4.62 -5.53 0.76
CA THR A 9 4.01 -6.79 0.38
C THR A 9 3.17 -7.30 1.56
N GLY A 10 2.01 -6.67 1.72
CA GLY A 10 1.19 -6.92 2.89
C GLY A 10 0.46 -5.64 3.30
N TYR A 11 0.95 -4.52 2.80
CA TYR A 11 0.30 -3.24 3.01
C TYR A 11 -0.09 -2.63 1.67
N GLN A 12 -0.85 -1.56 1.75
CA GLN A 12 -1.30 -0.88 0.57
C GLN A 12 -1.35 0.62 0.85
N ARG A 13 -1.65 1.41 -0.17
CA ARG A 13 -1.64 2.86 -0.02
C ARG A 13 -2.99 3.37 0.42
N THR A 14 -2.96 4.39 1.26
CA THR A 14 -4.18 5.09 1.62
C THR A 14 -4.36 6.26 0.66
N ALA A 15 -5.32 7.12 0.93
CA ALA A 15 -5.61 8.24 0.05
C ALA A 15 -4.43 9.20 -0.02
N ASP A 16 -3.51 9.07 0.93
CA ASP A 16 -2.32 9.91 0.98
C ASP A 16 -1.06 9.11 0.65
N GLY A 17 -1.12 7.79 0.84
CA GLY A 17 0.05 6.97 0.61
C GLY A 17 0.58 6.33 1.89
N ARG A 18 -0.24 6.32 2.93
CA ARG A 18 0.11 5.67 4.18
C ARG A 18 -0.09 4.16 4.03
N CYS A 19 0.61 3.38 4.84
CA CYS A 19 0.58 1.94 4.71
C CYS A 19 -0.58 1.34 5.50
N LYS A 20 -1.59 0.89 4.78
CA LYS A 20 -2.72 0.19 5.39
C LYS A 20 -2.63 -1.30 5.08
N PRO A 21 -2.76 -2.16 6.09
CA PRO A 21 -2.74 -3.61 5.88
C PRO A 21 -3.82 -4.06 4.89
N THR A 22 -3.55 -5.11 4.16
CA THR A 22 -4.42 -5.56 3.11
C THR A 22 -5.53 -6.47 3.64
N PHE A 23 -6.70 -5.88 3.85
CA PHE A 23 -7.87 -6.63 4.28
C PHE A 23 -8.84 -6.81 3.12
N GLU A 1 15.11 -1.85 0.99
CA GLU A 1 16.02 -1.27 -0.03
C GLU A 1 15.51 -1.55 -1.44
N ASN A 2 15.16 -2.81 -1.71
CA ASN A 2 14.72 -3.22 -3.04
C ASN A 2 13.40 -2.55 -3.41
N PHE A 3 12.37 -2.81 -2.62
CA PHE A 3 11.05 -2.26 -2.91
C PHE A 3 10.71 -1.17 -1.89
N ALA A 4 10.97 0.08 -2.27
CA ALA A 4 10.73 1.22 -1.38
C ALA A 4 9.69 2.16 -1.97
N ALA A 5 8.97 1.69 -2.96
CA ALA A 5 7.94 2.49 -3.62
C ALA A 5 6.57 2.17 -3.06
N GLY A 6 6.06 3.10 -2.25
CA GLY A 6 4.75 2.91 -1.66
C GLY A 6 4.81 2.13 -0.36
N CYS A 7 4.04 1.06 -0.27
CA CYS A 7 4.01 0.26 0.94
C CYS A 7 4.23 -1.22 0.60
N ALA A 8 4.38 -2.03 1.63
CA ALA A 8 4.62 -3.47 1.48
C ALA A 8 3.46 -4.16 0.77
N THR A 9 3.67 -5.41 0.37
CA THR A 9 2.63 -6.19 -0.27
C THR A 9 1.57 -6.64 0.73
N GLY A 10 1.98 -6.77 1.99
CA GLY A 10 1.04 -7.05 3.06
C GLY A 10 0.34 -5.79 3.50
N TYR A 11 0.61 -4.72 2.77
CA TYR A 11 0.02 -3.42 3.00
C TYR A 11 -0.34 -2.83 1.65
N GLN A 12 -0.76 -1.58 1.63
CA GLN A 12 -0.94 -0.86 0.39
C GLN A 12 -1.00 0.63 0.68
N ARG A 13 -1.13 1.45 -0.34
CA ARG A 13 -1.17 2.89 -0.14
C ARG A 13 -2.60 3.35 0.11
N THR A 14 -2.76 4.19 1.11
CA THR A 14 -4.03 4.77 1.43
C THR A 14 -4.31 5.96 0.50
N ALA A 15 -5.31 6.77 0.83
CA ALA A 15 -5.65 7.92 0.00
C ALA A 15 -4.48 8.91 -0.10
N ASP A 16 -3.75 9.05 1.02
CA ASP A 16 -2.62 9.96 1.06
C ASP A 16 -1.29 9.22 0.93
N GLY A 17 -1.38 7.90 0.79
CA GLY A 17 -0.19 7.10 0.54
C GLY A 17 0.44 6.54 1.80
N ARG A 18 -0.36 6.33 2.83
CA ARG A 18 0.13 5.70 4.04
C ARG A 18 -0.03 4.19 3.92
N CYS A 19 0.51 3.45 4.86
CA CYS A 19 0.50 1.99 4.76
C CYS A 19 -0.64 1.37 5.55
N LYS A 20 -1.65 0.89 4.83
CA LYS A 20 -2.76 0.17 5.46
C LYS A 20 -2.61 -1.33 5.19
N PRO A 21 -2.71 -2.16 6.23
CA PRO A 21 -2.62 -3.61 6.09
C PRO A 21 -3.72 -4.17 5.21
N THR A 22 -3.37 -5.11 4.34
CA THR A 22 -4.33 -5.72 3.45
C THR A 22 -5.04 -6.89 4.10
N PHE A 23 -6.35 -6.89 4.05
CA PHE A 23 -7.15 -7.94 4.66
C PHE A 23 -7.54 -8.97 3.60
N GLU A 1 1.15 6.69 -14.93
CA GLU A 1 1.15 8.06 -14.35
C GLU A 1 0.53 8.07 -12.96
N ASN A 2 -0.79 7.96 -12.90
CA ASN A 2 -1.52 8.26 -11.67
C ASN A 2 -2.02 7.00 -10.95
N PHE A 3 -1.55 5.84 -11.37
CA PHE A 3 -2.00 4.60 -10.73
C PHE A 3 -1.27 4.41 -9.41
N ALA A 4 -2.03 4.27 -8.34
CA ALA A 4 -1.47 4.18 -7.00
C ALA A 4 -0.94 2.78 -6.72
N ALA A 5 0.25 2.73 -6.14
CA ALA A 5 0.88 1.47 -5.82
C ALA A 5 0.70 1.14 -4.34
N GLY A 6 1.10 -0.06 -3.96
CA GLY A 6 1.01 -0.47 -2.58
C GLY A 6 2.22 -0.06 -1.77
N CYS A 7 2.40 -0.70 -0.63
CA CYS A 7 3.54 -0.41 0.23
C CYS A 7 4.37 -1.68 0.42
N ALA A 8 4.01 -2.48 1.41
CA ALA A 8 4.65 -3.76 1.63
C ALA A 8 3.90 -4.86 0.91
N THR A 9 4.34 -6.10 1.08
CA THR A 9 3.67 -7.25 0.48
C THR A 9 2.25 -7.42 1.05
N GLY A 10 2.00 -6.82 2.20
CA GLY A 10 0.66 -6.87 2.79
C GLY A 10 0.11 -5.49 3.07
N TYR A 11 0.79 -4.48 2.55
CA TYR A 11 0.42 -3.08 2.80
C TYR A 11 0.24 -2.34 1.48
N GLN A 12 -0.46 -1.23 1.52
CA GLN A 12 -0.73 -0.46 0.33
C GLN A 12 -0.80 1.02 0.68
N ARG A 13 -0.63 1.89 -0.31
CA ARG A 13 -0.79 3.32 -0.10
C ARG A 13 -2.24 3.66 -0.31
N THR A 14 -2.86 4.12 0.75
CA THR A 14 -4.25 4.49 0.71
C THR A 14 -4.40 5.89 0.11
N ALA A 15 -5.55 6.52 0.34
CA ALA A 15 -5.79 7.86 -0.19
C ALA A 15 -4.83 8.87 0.45
N ASP A 16 -4.13 8.45 1.49
CA ASP A 16 -3.20 9.31 2.18
C ASP A 16 -1.75 8.92 1.90
N GLY A 17 -1.57 7.93 1.06
CA GLY A 17 -0.24 7.38 0.85
C GLY A 17 0.26 6.68 2.10
N ARG A 18 -0.66 6.45 3.04
CA ARG A 18 -0.34 5.79 4.28
C ARG A 18 -0.35 4.29 4.07
N CYS A 19 0.67 3.62 4.59
CA CYS A 19 0.81 2.20 4.39
C CYS A 19 -0.10 1.43 5.34
N LYS A 20 -1.29 1.11 4.86
CA LYS A 20 -2.25 0.35 5.64
C LYS A 20 -2.21 -1.11 5.22
N PRO A 21 -2.32 -2.03 6.19
CA PRO A 21 -2.47 -3.46 5.89
C PRO A 21 -3.82 -3.72 5.21
N THR A 22 -3.78 -4.36 4.07
CA THR A 22 -4.99 -4.65 3.33
C THR A 22 -5.67 -5.92 3.85
N PHE A 23 -6.94 -5.80 4.19
CA PHE A 23 -7.69 -6.94 4.69
C PHE A 23 -8.80 -7.28 3.69
#